data_7NYG
#
_entry.id   7NYG
#
_cell.length_a   82.569
_cell.length_b   112.148
_cell.length_c   62.557
_cell.angle_alpha   90.000
_cell.angle_beta   90.000
_cell.angle_gamma   90.000
#
_symmetry.space_group_name_H-M   'C 2 2 21'
#
loop_
_entity.id
_entity.type
_entity.pdbx_description
1 polymer '14-3-3 protein sigma'
2 polymer 'Transcription factor p65'
3 non-polymer 4-[(2~{S})-2-methylpyrrolidin-1-yl]sulfonylbenzaldehyde
4 non-polymer 'CHLORIDE ION'
5 non-polymer 'MAGNESIUM ION'
6 non-polymer GLYCEROL
7 water water
#
loop_
_entity_poly.entity_id
_entity_poly.type
_entity_poly.pdbx_seq_one_letter_code
_entity_poly.pdbx_strand_id
1 'polypeptide(L)'
;GAMGSMERASLIQKAKLAEQAERYEDMAAFMKGAVEKGEELS(CSO)EERNLLSVAYKNVVGGQRAAWRVLSSIEQKSNE
EGSEEKGPEVREYREKVETELQGVCDTVLGLLDSHLIKEAGDAESRVFYLKMKGDYYRYLAEVATGDDKKRIIDSARSAY
QEAMDISKKEMPPTNPIRLGLALNFSVFHYEIANSPEEAISLAKTTFDEAMADLHTLSEDSYKDSTLIMQLLRDNLTLWT
;
A
2 'polypeptide(L)' EGRSAG(SEP)IPGRRS P
#
# COMPACT_ATOMS: atom_id res chain seq x y z
N ALA A 2 -3.44 -16.76 16.39
CA ALA A 2 -2.28 -17.06 17.24
C ALA A 2 -2.27 -16.11 18.43
N MET A 3 -2.86 -14.92 18.22
CA MET A 3 -2.85 -13.86 19.22
C MET A 3 -4.16 -13.75 19.98
N GLY A 4 -5.04 -14.74 19.88
CA GLY A 4 -6.34 -14.62 20.49
C GLY A 4 -6.34 -14.46 22.00
N SER A 5 -5.30 -14.92 22.68
N SER A 5 -5.29 -14.91 22.69
CA SER A 5 -5.30 -14.76 24.12
CA SER A 5 -5.26 -14.77 24.13
C SER A 5 -4.68 -13.46 24.60
C SER A 5 -4.68 -13.46 24.60
N MET A 6 -4.15 -12.61 23.72
CA MET A 6 -3.54 -11.37 24.17
C MET A 6 -4.53 -10.22 24.04
N GLU A 7 -4.55 -9.33 25.03
CA GLU A 7 -5.43 -8.16 24.99
C GLU A 7 -5.18 -7.30 23.76
N ARG A 8 -6.25 -6.72 23.20
CA ARG A 8 -6.09 -5.76 22.11
C ARG A 8 -5.07 -4.69 22.44
N ALA A 9 -5.18 -4.08 23.63
CA ALA A 9 -4.30 -2.95 23.91
C ALA A 9 -2.85 -3.40 23.98
N SER A 10 -2.61 -4.63 24.46
CA SER A 10 -1.26 -5.19 24.53
C SER A 10 -0.70 -5.50 23.15
N LEU A 11 -1.56 -5.93 22.23
CA LEU A 11 -1.12 -6.14 20.85
C LEU A 11 -0.70 -4.82 20.21
N ILE A 12 -1.47 -3.76 20.44
N ILE A 12 -1.44 -3.75 20.46
CA ILE A 12 -1.15 -2.44 19.90
CA ILE A 12 -1.09 -2.48 19.86
C ILE A 12 0.16 -1.93 20.47
C ILE A 12 0.18 -1.92 20.49
N GLN A 13 0.33 -2.06 21.80
CA GLN A 13 1.56 -1.61 22.45
C GLN A 13 2.77 -2.38 21.90
N LYS A 14 2.62 -3.70 21.72
CA LYS A 14 3.72 -4.52 21.19
C LYS A 14 3.98 -4.23 19.74
N ALA A 15 2.95 -3.89 18.94
CA ALA A 15 3.23 -3.46 17.56
C ALA A 15 4.10 -2.21 17.55
N LYS A 16 3.84 -1.27 18.48
CA LYS A 16 4.64 -0.05 18.51
C LYS A 16 6.08 -0.37 18.91
N LEU A 17 6.25 -1.28 19.86
CA LEU A 17 7.62 -1.69 20.25
C LEU A 17 8.32 -2.41 19.12
N ALA A 18 7.61 -3.28 18.41
CA ALA A 18 8.20 -3.98 17.28
C ALA A 18 8.64 -3.01 16.20
N GLU A 19 7.86 -1.96 15.93
CA GLU A 19 8.33 -0.96 14.97
C GLU A 19 9.64 -0.34 15.44
N GLN A 20 9.72 0.02 16.71
CA GLN A 20 10.93 0.65 17.23
C GLN A 20 12.12 -0.27 17.09
N ALA A 21 11.91 -1.59 17.25
CA ALA A 21 12.95 -2.59 17.17
C ALA A 21 13.18 -3.10 15.74
N GLU A 22 12.47 -2.53 14.77
CA GLU A 22 12.56 -2.94 13.36
C GLU A 22 12.26 -4.43 13.17
N ARG A 23 11.27 -4.91 13.91
CA ARG A 23 10.81 -6.29 13.86
C ARG A 23 9.46 -6.27 13.16
N TYR A 24 9.49 -6.11 11.83
CA TYR A 24 8.24 -5.86 11.14
C TYR A 24 7.38 -7.10 10.96
N GLU A 25 7.95 -8.28 10.89
CA GLU A 25 7.14 -9.48 10.88
C GLU A 25 6.34 -9.59 12.18
N ASP A 26 7.01 -9.37 13.33
CA ASP A 26 6.28 -9.37 14.59
C ASP A 26 5.22 -8.27 14.60
N MET A 27 5.58 -7.09 14.11
CA MET A 27 4.62 -5.99 14.08
C MET A 27 3.38 -6.37 13.30
N ALA A 28 3.55 -7.01 12.16
CA ALA A 28 2.42 -7.41 11.37
C ALA A 28 1.59 -8.46 12.07
N ALA A 29 2.23 -9.42 12.75
CA ALA A 29 1.46 -10.41 13.47
C ALA A 29 0.68 -9.79 14.63
N PHE A 30 1.27 -8.82 15.36
CA PHE A 30 0.52 -8.15 16.42
C PHE A 30 -0.65 -7.39 15.84
N MET A 31 -0.45 -6.68 14.71
CA MET A 31 -1.57 -5.91 14.16
C MET A 31 -2.64 -6.80 13.54
N LYS A 32 -2.27 -7.95 12.96
CA LYS A 32 -3.27 -8.91 12.53
C LYS A 32 -4.12 -9.37 13.71
N GLY A 33 -3.44 -9.71 14.83
CA GLY A 33 -4.18 -10.06 16.04
C GLY A 33 -5.10 -8.95 16.50
N ALA A 34 -4.65 -7.69 16.42
CA ALA A 34 -5.51 -6.59 16.83
C ALA A 34 -6.73 -6.46 15.90
N VAL A 35 -6.54 -6.54 14.59
CA VAL A 35 -7.69 -6.49 13.68
C VAL A 35 -8.66 -7.61 14.01
N GLU A 36 -8.14 -8.81 14.26
CA GLU A 36 -9.01 -9.96 14.50
C GLU A 36 -9.79 -9.87 15.80
N LYS A 37 -9.52 -8.90 16.65
CA LYS A 37 -10.40 -8.66 17.79
C LYS A 37 -11.78 -8.21 17.35
N GLY A 38 -11.90 -7.69 16.14
CA GLY A 38 -13.19 -7.36 15.57
C GLY A 38 -13.62 -5.91 15.71
N GLU A 39 -12.91 -5.11 16.49
CA GLU A 39 -13.27 -3.70 16.60
C GLU A 39 -12.66 -2.91 15.44
N GLU A 40 -13.28 -1.79 15.10
CA GLU A 40 -12.68 -0.85 14.14
C GLU A 40 -11.33 -0.32 14.66
N LEU A 41 -10.50 0.17 13.75
CA LEU A 41 -9.17 0.69 14.05
C LEU A 41 -9.21 2.20 14.04
N SER A 42 -8.53 2.83 14.98
CA SER A 42 -8.31 4.26 14.96
C SER A 42 -7.32 4.65 13.85
N GLU A 44 -4.33 5.98 14.13
CA GLU A 44 -2.97 5.55 14.43
C GLU A 44 -2.86 4.02 14.28
N GLU A 45 -3.91 3.30 14.65
CA GLU A 45 -3.85 1.84 14.51
C GLU A 45 -3.84 1.43 13.03
N ARG A 46 -4.59 2.15 12.19
CA ARG A 46 -4.56 1.88 10.76
C ARG A 46 -3.16 2.09 10.21
N ASN A 47 -2.48 3.14 10.64
CA ASN A 47 -1.10 3.34 10.22
C ASN A 47 -0.21 2.22 10.71
N LEU A 48 -0.39 1.73 11.94
CA LEU A 48 0.44 0.63 12.39
C LEU A 48 0.24 -0.60 11.52
N LEU A 49 -0.99 -0.93 11.18
CA LEU A 49 -1.28 -2.07 10.32
C LEU A 49 -0.60 -1.89 8.96
N SER A 50 -0.74 -0.69 8.37
CA SER A 50 -0.19 -0.49 7.05
C SER A 50 1.32 -0.48 7.06
N VAL A 51 1.96 0.18 8.04
CA VAL A 51 3.40 0.21 8.11
C VAL A 51 3.95 -1.20 8.23
N ALA A 52 3.35 -2.02 9.07
CA ALA A 52 3.87 -3.36 9.33
C ALA A 52 3.87 -4.15 8.03
N TYR A 53 2.74 -4.21 7.35
CA TYR A 53 2.66 -5.05 6.16
C TYR A 53 3.43 -4.44 5.00
N LYS A 54 3.56 -3.11 4.93
CA LYS A 54 4.29 -2.55 3.81
C LYS A 54 5.75 -2.90 3.94
N ASN A 55 6.27 -2.91 5.16
CA ASN A 55 7.65 -3.31 5.37
C ASN A 55 7.85 -4.79 5.10
N VAL A 56 6.93 -5.65 5.52
CA VAL A 56 7.13 -7.08 5.28
C VAL A 56 7.10 -7.34 3.78
N VAL A 57 6.06 -6.85 3.11
N VAL A 57 6.04 -6.88 3.11
CA VAL A 57 5.96 -7.13 1.68
CA VAL A 57 5.94 -7.13 1.67
C VAL A 57 7.02 -6.37 0.92
C VAL A 57 7.04 -6.39 0.93
N GLY A 58 7.46 -5.20 1.39
CA GLY A 58 8.55 -4.49 0.71
C GLY A 58 9.82 -5.30 0.67
N GLY A 59 10.16 -5.98 1.75
CA GLY A 59 11.35 -6.80 1.76
C GLY A 59 11.18 -8.00 0.84
N GLN A 60 9.97 -8.57 0.80
CA GLN A 60 9.74 -9.70 -0.09
C GLN A 60 9.85 -9.27 -1.54
N ARG A 61 9.28 -8.13 -1.88
CA ARG A 61 9.35 -7.62 -3.25
C ARG A 61 10.80 -7.36 -3.65
N ALA A 62 11.59 -6.76 -2.78
CA ALA A 62 12.99 -6.52 -3.11
C ALA A 62 13.71 -7.84 -3.36
N ALA A 63 13.43 -8.86 -2.56
CA ALA A 63 14.09 -10.15 -2.76
C ALA A 63 13.61 -10.82 -4.04
N TRP A 64 12.31 -10.78 -4.32
CA TRP A 64 11.77 -11.32 -5.54
C TRP A 64 12.40 -10.67 -6.76
N ARG A 65 12.66 -9.35 -6.70
CA ARG A 65 13.25 -8.68 -7.84
C ARG A 65 14.69 -9.10 -8.04
N VAL A 66 15.44 -9.30 -6.95
CA VAL A 66 16.82 -9.79 -7.09
C VAL A 66 16.82 -11.15 -7.76
N LEU A 67 15.96 -12.05 -7.27
CA LEU A 67 15.91 -13.41 -7.78
C LEU A 67 15.39 -13.46 -9.21
N SER A 68 14.37 -12.64 -9.52
CA SER A 68 13.82 -12.62 -10.89
C SER A 68 14.88 -12.15 -11.88
N SER A 69 15.71 -11.20 -11.47
CA SER A 69 16.77 -10.72 -12.35
C SER A 69 17.80 -11.79 -12.60
N ILE A 70 18.16 -12.54 -11.56
CA ILE A 70 19.13 -13.63 -11.73
C ILE A 70 18.54 -14.70 -12.62
N GLU A 71 17.25 -15.00 -12.43
CA GLU A 71 16.59 -16.02 -13.23
C GLU A 71 16.53 -15.62 -14.70
N GLN A 72 16.22 -14.36 -14.98
CA GLN A 72 16.16 -13.91 -16.37
C GLN A 72 17.51 -13.96 -17.03
N LYS A 73 18.57 -13.63 -16.31
CA LYS A 73 19.91 -13.73 -16.88
C LYS A 73 20.27 -15.19 -17.16
N SER A 74 19.89 -16.11 -16.27
CA SER A 74 20.20 -17.53 -16.47
C SER A 74 19.48 -18.09 -17.68
N ASN A 75 18.36 -17.50 -18.06
CA ASN A 75 17.61 -17.95 -19.24
C ASN A 75 18.02 -17.12 -20.47
N GLY A 83 20.50 -25.42 -13.40
CA GLY A 83 19.53 -26.27 -12.73
C GLY A 83 18.28 -25.53 -12.31
N PRO A 84 17.38 -26.21 -11.60
CA PRO A 84 16.10 -25.59 -11.24
C PRO A 84 16.18 -24.65 -10.05
N GLU A 85 17.33 -24.42 -9.43
CA GLU A 85 17.37 -23.82 -8.09
C GLU A 85 16.94 -22.36 -8.10
N VAL A 86 17.38 -21.57 -9.07
CA VAL A 86 17.00 -20.15 -9.05
C VAL A 86 15.49 -20.00 -9.20
N ARG A 87 14.91 -20.73 -10.16
CA ARG A 87 13.46 -20.68 -10.33
C ARG A 87 12.75 -21.20 -9.09
N GLU A 88 13.20 -22.32 -8.52
CA GLU A 88 12.56 -22.86 -7.32
C GLU A 88 12.58 -21.86 -6.19
N TYR A 89 13.69 -21.17 -5.99
CA TYR A 89 13.78 -20.26 -4.86
C TYR A 89 13.00 -18.97 -5.15
N ARG A 90 13.03 -18.48 -6.40
CA ARG A 90 12.15 -17.35 -6.76
C ARG A 90 10.70 -17.72 -6.51
N GLU A 91 10.31 -18.95 -6.87
CA GLU A 91 8.94 -19.41 -6.64
C GLU A 91 8.62 -19.44 -5.16
N LYS A 92 9.57 -19.87 -4.32
N LYS A 92 9.57 -19.88 -4.33
CA LYS A 92 9.32 -19.92 -2.89
CA LYS A 92 9.32 -19.92 -2.90
C LYS A 92 9.08 -18.52 -2.32
C LYS A 92 9.07 -18.52 -2.34
N VAL A 93 9.92 -17.56 -2.70
CA VAL A 93 9.73 -16.19 -2.25
C VAL A 93 8.42 -15.64 -2.80
N GLU A 94 8.11 -15.94 -4.04
CA GLU A 94 6.87 -15.47 -4.64
C GLU A 94 5.65 -15.99 -3.89
N THR A 95 5.66 -17.27 -3.52
CA THR A 95 4.51 -17.84 -2.82
C THR A 95 4.36 -17.20 -1.46
N GLU A 96 5.47 -16.92 -0.78
N GLU A 96 5.47 -16.94 -0.78
CA GLU A 96 5.39 -16.29 0.53
CA GLU A 96 5.41 -16.29 0.52
C GLU A 96 4.88 -14.85 0.43
C GLU A 96 4.84 -14.89 0.39
N LEU A 97 5.33 -14.12 -0.61
CA LEU A 97 4.79 -12.79 -0.88
C LEU A 97 3.30 -12.84 -1.16
N GLN A 98 2.85 -13.77 -2.01
CA GLN A 98 1.44 -13.89 -2.30
C GLN A 98 0.67 -14.19 -1.04
N GLY A 99 1.23 -15.00 -0.15
CA GLY A 99 0.53 -15.33 1.06
C GLY A 99 0.34 -14.13 1.96
N VAL A 100 1.35 -13.28 2.06
CA VAL A 100 1.21 -12.06 2.85
C VAL A 100 0.15 -11.15 2.23
N CYS A 101 0.19 -10.96 0.91
CA CYS A 101 -0.80 -10.12 0.30
C CYS A 101 -2.20 -10.67 0.52
N ASP A 102 -2.39 -11.99 0.37
CA ASP A 102 -3.69 -12.60 0.64
C ASP A 102 -4.12 -12.42 2.08
N THR A 103 -3.18 -12.46 3.03
CA THR A 103 -3.54 -12.21 4.43
C THR A 103 -4.08 -10.79 4.62
N VAL A 104 -3.37 -9.80 4.09
CA VAL A 104 -3.82 -8.42 4.25
C VAL A 104 -5.16 -8.23 3.56
N LEU A 105 -5.30 -8.73 2.33
CA LEU A 105 -6.56 -8.62 1.62
C LEU A 105 -7.68 -9.27 2.41
N GLY A 106 -7.36 -10.39 3.08
CA GLY A 106 -8.40 -11.04 3.87
C GLY A 106 -8.81 -10.22 5.07
N LEU A 107 -7.87 -9.52 5.70
CA LEU A 107 -8.25 -8.64 6.80
C LEU A 107 -9.14 -7.51 6.30
N LEU A 108 -8.79 -6.95 5.13
CA LEU A 108 -9.60 -5.87 4.61
C LEU A 108 -11.01 -6.34 4.29
N ASP A 109 -11.14 -7.56 3.81
CA ASP A 109 -12.43 -8.12 3.44
C ASP A 109 -13.18 -8.69 4.64
N SER A 110 -12.52 -8.94 5.74
CA SER A 110 -13.16 -9.60 6.90
C SER A 110 -12.61 -8.94 8.16
N HIS A 111 -13.08 -7.74 8.51
CA HIS A 111 -14.21 -7.02 7.92
C HIS A 111 -13.95 -5.54 7.92
N LEU A 112 -12.67 -5.13 7.70
CA LEU A 112 -12.33 -3.73 7.89
C LEU A 112 -13.07 -2.79 6.91
N ILE A 113 -13.15 -3.16 5.63
CA ILE A 113 -13.77 -2.25 4.67
C ILE A 113 -15.25 -2.09 4.94
N LYS A 114 -15.95 -3.20 5.14
CA LYS A 114 -17.40 -3.10 5.28
C LYS A 114 -17.80 -2.30 6.51
N GLU A 115 -16.97 -2.28 7.55
CA GLU A 115 -17.31 -1.49 8.72
C GLU A 115 -16.82 -0.05 8.64
N ALA A 116 -16.08 0.32 7.59
CA ALA A 116 -15.49 1.67 7.47
C ALA A 116 -16.47 2.62 6.78
N GLY A 117 -17.02 3.54 7.55
CA GLY A 117 -18.01 4.48 7.05
C GLY A 117 -17.47 5.87 6.86
N ASP A 118 -16.50 6.26 7.67
CA ASP A 118 -15.95 7.58 7.45
C ASP A 118 -15.03 7.57 6.25
N ALA A 119 -14.98 8.69 5.56
CA ALA A 119 -14.13 8.75 4.37
C ALA A 119 -12.68 8.43 4.68
N GLU A 120 -12.14 8.93 5.79
CA GLU A 120 -10.72 8.73 6.05
C GLU A 120 -10.41 7.25 6.20
N SER A 121 -11.27 6.51 6.88
CA SER A 121 -10.97 5.09 7.03
C SER A 121 -11.25 4.34 5.74
N ARG A 122 -12.37 4.58 5.08
CA ARG A 122 -12.73 3.82 3.89
C ARG A 122 -11.72 4.04 2.76
N VAL A 123 -11.31 5.30 2.54
CA VAL A 123 -10.30 5.57 1.53
C VAL A 123 -8.98 4.88 1.89
N PHE A 124 -8.56 4.95 3.15
CA PHE A 124 -7.31 4.31 3.54
C PHE A 124 -7.35 2.82 3.23
N TYR A 125 -8.44 2.14 3.61
CA TYR A 125 -8.48 0.69 3.40
C TYR A 125 -8.59 0.33 1.93
N LEU A 126 -9.30 1.11 1.14
CA LEU A 126 -9.38 0.82 -0.28
C LEU A 126 -8.05 1.09 -0.98
N LYS A 127 -7.31 2.11 -0.54
CA LYS A 127 -5.94 2.31 -1.04
C LYS A 127 -5.09 1.08 -0.72
N MET A 128 -5.19 0.58 0.52
CA MET A 128 -4.45 -0.65 0.86
C MET A 128 -4.86 -1.80 -0.05
N LYS A 129 -6.16 -1.96 -0.30
CA LYS A 129 -6.61 -3.04 -1.15
C LYS A 129 -6.00 -2.90 -2.55
N GLY A 130 -6.02 -1.69 -3.12
CA GLY A 130 -5.34 -1.46 -4.40
C GLY A 130 -3.85 -1.81 -4.36
N ASP A 131 -3.17 -1.39 -3.31
CA ASP A 131 -1.75 -1.66 -3.18
C ASP A 131 -1.44 -3.16 -3.13
N TYR A 132 -2.21 -3.93 -2.35
CA TYR A 132 -1.86 -5.36 -2.24
C TYR A 132 -2.24 -6.14 -3.48
N TYR A 133 -3.30 -5.74 -4.19
CA TYR A 133 -3.50 -6.34 -5.51
C TYR A 133 -2.40 -5.90 -6.48
N ARG A 134 -1.92 -4.66 -6.37
CA ARG A 134 -0.82 -4.26 -7.24
C ARG A 134 0.43 -5.10 -6.98
N TYR A 135 0.73 -5.41 -5.71
CA TYR A 135 1.87 -6.28 -5.44
C TYR A 135 1.63 -7.68 -5.99
N LEU A 136 0.39 -8.21 -5.87
CA LEU A 136 0.09 -9.48 -6.55
C LEU A 136 0.30 -9.36 -8.06
N ALA A 137 -0.07 -8.23 -8.67
CA ALA A 137 0.05 -8.09 -10.13
C ALA A 137 1.50 -8.06 -10.55
N GLU A 138 2.39 -7.54 -9.70
CA GLU A 138 3.81 -7.46 -10.06
C GLU A 138 4.40 -8.83 -10.34
N VAL A 139 3.91 -9.89 -9.68
CA VAL A 139 4.43 -11.25 -9.83
C VAL A 139 3.52 -12.13 -10.65
N ALA A 140 2.39 -11.63 -11.11
CA ALA A 140 1.42 -12.48 -11.80
C ALA A 140 1.79 -12.64 -13.26
N THR A 141 1.47 -13.84 -13.79
CA THR A 141 1.78 -14.27 -15.17
C THR A 141 0.72 -15.22 -15.69
N GLY A 142 -0.20 -15.67 -14.84
CA GLY A 142 -1.10 -16.76 -15.16
C GLY A 142 -2.45 -16.32 -15.72
N ASP A 143 -3.42 -17.23 -15.59
CA ASP A 143 -4.76 -17.00 -16.15
C ASP A 143 -5.48 -15.83 -15.51
N ASP A 144 -5.02 -15.37 -14.34
CA ASP A 144 -5.72 -14.32 -13.60
C ASP A 144 -4.91 -13.03 -13.48
N LYS A 145 -3.87 -12.84 -14.28
CA LYS A 145 -3.12 -11.60 -14.15
C LYS A 145 -3.98 -10.38 -14.56
N LYS A 146 -4.71 -10.51 -15.65
CA LYS A 146 -5.66 -9.47 -16.01
C LYS A 146 -6.64 -9.24 -14.88
N ARG A 147 -7.10 -10.30 -14.23
CA ARG A 147 -8.14 -10.13 -13.24
C ARG A 147 -7.57 -9.47 -11.99
N ILE A 148 -6.31 -9.78 -11.66
CA ILE A 148 -5.68 -9.15 -10.50
C ILE A 148 -5.50 -7.66 -10.76
N ILE A 149 -5.07 -7.28 -11.97
CA ILE A 149 -4.93 -5.88 -12.34
C ILE A 149 -6.26 -5.17 -12.24
N ASP A 150 -7.35 -5.80 -12.70
CA ASP A 150 -8.64 -5.15 -12.60
C ASP A 150 -9.06 -4.96 -11.14
N SER A 151 -8.74 -5.93 -10.29
CA SER A 151 -9.08 -5.81 -8.88
C SER A 151 -8.35 -4.62 -8.25
N ALA A 152 -7.07 -4.43 -8.60
CA ALA A 152 -6.34 -3.27 -8.09
C ALA A 152 -7.00 -2.00 -8.60
N ARG A 153 -7.26 -1.95 -9.91
N ARG A 153 -7.26 -1.93 -9.91
CA ARG A 153 -7.84 -0.75 -10.49
CA ARG A 153 -7.83 -0.73 -10.49
C ARG A 153 -9.16 -0.39 -9.84
C ARG A 153 -9.17 -0.39 -9.84
N SER A 154 -10.01 -1.39 -9.63
CA SER A 154 -11.32 -1.14 -9.07
C SER A 154 -11.23 -0.58 -7.66
N ALA A 155 -10.33 -1.12 -6.83
CA ALA A 155 -10.18 -0.62 -5.46
C ALA A 155 -9.66 0.81 -5.47
N TYR A 156 -8.59 1.07 -6.27
CA TYR A 156 -8.09 2.44 -6.34
C TYR A 156 -9.14 3.40 -6.86
N GLN A 157 -9.95 2.97 -7.84
CA GLN A 157 -10.94 3.89 -8.42
C GLN A 157 -12.02 4.22 -7.40
N GLU A 158 -12.49 3.24 -6.64
CA GLU A 158 -13.49 3.55 -5.61
C GLU A 158 -12.90 4.50 -4.57
N ALA A 159 -11.67 4.26 -4.16
CA ALA A 159 -11.01 5.17 -3.21
C ALA A 159 -10.89 6.57 -3.79
N MET A 160 -10.56 6.69 -5.10
CA MET A 160 -10.42 8.00 -5.71
C MET A 160 -11.76 8.70 -5.75
N ASP A 161 -12.82 7.96 -6.10
CA ASP A 161 -14.12 8.61 -6.17
C ASP A 161 -14.53 9.18 -4.81
N ILE A 162 -14.33 8.41 -3.72
CA ILE A 162 -14.70 8.91 -2.41
C ILE A 162 -13.82 10.08 -2.01
N SER A 163 -12.50 9.98 -2.30
CA SER A 163 -11.57 11.02 -1.87
C SER A 163 -11.89 12.35 -2.54
N LYS A 164 -12.28 12.32 -3.81
CA LYS A 164 -12.54 13.58 -4.52
C LYS A 164 -13.82 14.22 -4.02
N LYS A 165 -14.77 13.42 -3.54
CA LYS A 165 -16.02 13.96 -2.98
C LYS A 165 -15.87 14.44 -1.54
N GLU A 166 -15.04 13.77 -0.72
CA GLU A 166 -15.04 13.94 0.73
C GLU A 166 -13.79 14.56 1.32
N MET A 167 -12.70 14.69 0.58
CA MET A 167 -11.48 15.19 1.19
C MET A 167 -10.93 16.36 0.37
N PRO A 168 -10.25 17.28 1.03
CA PRO A 168 -9.58 18.37 0.27
C PRO A 168 -8.43 17.83 -0.54
N PRO A 169 -8.03 18.56 -1.57
CA PRO A 169 -7.00 18.05 -2.45
C PRO A 169 -5.63 17.99 -1.82
N THR A 170 -5.41 18.59 -0.65
CA THR A 170 -4.15 18.43 0.07
C THR A 170 -4.17 17.29 1.09
N ASN A 171 -5.31 16.62 1.29
CA ASN A 171 -5.35 15.60 2.34
C ASN A 171 -4.28 14.53 2.08
N PRO A 172 -3.44 14.20 3.06
CA PRO A 172 -2.34 13.26 2.78
C PRO A 172 -2.78 11.89 2.29
N ILE A 173 -3.90 11.36 2.79
CA ILE A 173 -4.42 10.09 2.27
C ILE A 173 -4.79 10.23 0.80
N ARG A 174 -5.51 11.30 0.47
CA ARG A 174 -5.88 11.57 -0.93
C ARG A 174 -4.64 11.68 -1.80
N LEU A 175 -3.61 12.37 -1.32
CA LEU A 175 -2.39 12.53 -2.10
C LEU A 175 -1.65 11.21 -2.27
N GLY A 176 -1.54 10.43 -1.18
CA GLY A 176 -0.83 9.15 -1.28
C GLY A 176 -1.56 8.15 -2.15
N LEU A 177 -2.89 8.17 -2.07
CA LEU A 177 -3.71 7.35 -2.97
C LEU A 177 -3.42 7.69 -4.42
N ALA A 178 -3.44 8.98 -4.74
CA ALA A 178 -3.20 9.38 -6.12
C ALA A 178 -1.79 9.03 -6.57
N LEU A 179 -0.79 9.21 -5.67
CA LEU A 179 0.56 8.81 -6.01
C LEU A 179 0.61 7.33 -6.36
N ASN A 180 0.02 6.49 -5.51
CA ASN A 180 0.13 5.04 -5.73
C ASN A 180 -0.68 4.60 -6.92
N PHE A 181 -1.85 5.25 -7.17
CA PHE A 181 -2.62 4.91 -8.37
C PHE A 181 -1.85 5.32 -9.61
N SER A 182 -1.14 6.46 -9.57
N SER A 182 -1.14 6.44 -9.56
CA SER A 182 -0.32 6.82 -10.73
CA SER A 182 -0.31 6.84 -10.69
C SER A 182 0.79 5.80 -10.96
C SER A 182 0.80 5.83 -10.95
N VAL A 183 1.39 5.27 -9.89
CA VAL A 183 2.41 4.20 -10.06
C VAL A 183 1.78 2.96 -10.65
N PHE A 184 0.59 2.60 -10.19
CA PHE A 184 -0.16 1.52 -10.82
C PHE A 184 -0.32 1.76 -12.32
N HIS A 185 -0.75 2.97 -12.72
CA HIS A 185 -0.91 3.20 -14.17
C HIS A 185 0.39 3.04 -14.91
N TYR A 186 1.50 3.56 -14.36
CA TYR A 186 2.78 3.56 -15.07
C TYR A 186 3.36 2.15 -15.12
N GLU A 187 3.37 1.46 -13.98
CA GLU A 187 4.16 0.23 -13.83
C GLU A 187 3.38 -1.03 -14.10
N ILE A 188 2.07 -1.03 -13.91
CA ILE A 188 1.26 -2.24 -14.00
C ILE A 188 0.37 -2.21 -15.21
N ALA A 189 -0.35 -1.08 -15.41
CA ALA A 189 -1.39 -1.00 -16.42
C ALA A 189 -0.89 -0.54 -17.78
N ASN A 190 0.40 -0.29 -17.91
CA ASN A 190 0.97 0.13 -19.20
C ASN A 190 0.27 1.39 -19.71
N SER A 191 0.00 2.33 -18.80
CA SER A 191 -0.72 3.56 -19.12
C SER A 191 0.12 4.73 -18.65
N PRO A 192 1.32 4.94 -19.20
CA PRO A 192 2.15 6.06 -18.70
C PRO A 192 1.49 7.43 -18.87
N GLU A 193 0.75 7.68 -19.92
CA GLU A 193 0.09 8.98 -20.06
C GLU A 193 -0.94 9.21 -18.97
N GLU A 194 -1.70 8.18 -18.57
CA GLU A 194 -2.65 8.32 -17.46
C GLU A 194 -1.91 8.58 -16.16
N ALA A 195 -0.78 7.90 -15.95
CA ALA A 195 0.04 8.14 -14.76
C ALA A 195 0.52 9.57 -14.68
N ILE A 196 1.03 10.10 -15.79
CA ILE A 196 1.54 11.47 -15.81
C ILE A 196 0.40 12.46 -15.59
N SER A 197 -0.74 12.25 -16.26
N SER A 197 -0.72 12.26 -16.28
CA SER A 197 -1.87 13.16 -16.11
CA SER A 197 -1.86 13.14 -16.12
C SER A 197 -2.37 13.17 -14.67
C SER A 197 -2.34 13.17 -14.68
N LEU A 198 -2.49 11.99 -14.07
CA LEU A 198 -2.96 11.94 -12.70
C LEU A 198 -1.96 12.63 -11.78
N ALA A 199 -0.68 12.37 -11.92
CA ALA A 199 0.28 13.00 -11.02
C ALA A 199 0.29 14.52 -11.18
N LYS A 200 0.20 15.00 -12.43
CA LYS A 200 0.21 16.45 -12.64
C LYS A 200 -1.05 17.11 -12.09
N THR A 201 -2.22 16.57 -12.38
CA THR A 201 -3.45 17.17 -11.88
C THR A 201 -3.49 17.14 -10.35
N THR A 202 -3.05 16.04 -9.76
CA THR A 202 -3.03 15.96 -8.30
C THR A 202 -2.10 17.00 -7.72
N PHE A 203 -0.92 17.15 -8.31
CA PHE A 203 0.04 18.12 -7.80
C PHE A 203 -0.52 19.53 -7.89
N ASP A 204 -1.09 19.87 -9.04
CA ASP A 204 -1.57 21.23 -9.27
C ASP A 204 -2.74 21.56 -8.37
N GLU A 205 -3.63 20.61 -8.13
CA GLU A 205 -4.77 20.88 -7.30
C GLU A 205 -4.37 21.00 -5.85
N ALA A 206 -3.33 20.26 -5.42
CA ALA A 206 -2.84 20.42 -4.06
C ALA A 206 -2.15 21.77 -3.90
N MET A 207 -1.31 22.15 -4.86
CA MET A 207 -0.64 23.45 -4.78
C MET A 207 -1.64 24.57 -4.53
N ALA A 208 -2.75 24.55 -5.24
CA ALA A 208 -3.77 25.61 -5.12
C ALA A 208 -4.51 25.61 -3.82
N ASP A 209 -4.37 24.56 -3.00
CA ASP A 209 -5.06 24.47 -1.73
C ASP A 209 -4.08 24.62 -0.55
N LEU A 210 -2.77 24.76 -0.80
CA LEU A 210 -1.80 24.86 0.29
C LEU A 210 -2.06 26.08 1.20
N HIS A 211 -2.62 27.16 0.65
CA HIS A 211 -2.85 28.39 1.42
C HIS A 211 -3.77 28.17 2.61
N THR A 212 -4.56 27.09 2.60
CA THR A 212 -5.52 26.84 3.66
C THR A 212 -4.92 26.14 4.86
N LEU A 213 -3.68 25.69 4.79
CA LEU A 213 -3.09 24.75 5.71
C LEU A 213 -2.25 25.45 6.78
N SER A 214 -2.21 24.82 7.95
CA SER A 214 -1.25 25.16 8.99
C SER A 214 0.15 24.72 8.58
N GLU A 215 1.15 25.17 9.35
CA GLU A 215 2.53 24.81 9.08
C GLU A 215 2.73 23.29 9.09
N ASP A 216 2.15 22.59 10.07
CA ASP A 216 2.38 21.15 10.12
C ASP A 216 1.66 20.42 8.98
N SER A 217 0.43 20.82 8.66
CA SER A 217 -0.27 20.20 7.53
C SER A 217 0.44 20.52 6.21
N TYR A 218 0.95 21.74 6.08
CA TYR A 218 1.72 22.11 4.91
C TYR A 218 2.90 21.19 4.73
N LYS A 219 3.62 20.87 5.81
CA LYS A 219 4.78 20.02 5.68
C LYS A 219 4.39 18.63 5.19
N ASP A 220 3.27 18.09 5.69
CA ASP A 220 2.83 16.75 5.27
C ASP A 220 2.43 16.76 3.80
N SER A 221 1.63 17.75 3.39
CA SER A 221 1.16 17.76 2.00
C SER A 221 2.30 18.02 1.02
N THR A 222 3.20 18.97 1.32
CA THR A 222 4.29 19.25 0.40
C THR A 222 5.27 18.08 0.31
N LEU A 223 5.39 17.27 1.40
CA LEU A 223 6.26 16.10 1.31
C LEU A 223 5.76 15.15 0.23
N ILE A 224 4.45 14.91 0.17
CA ILE A 224 3.90 13.97 -0.82
C ILE A 224 3.90 14.61 -2.18
N MET A 225 3.70 15.93 -2.24
CA MET A 225 3.71 16.57 -3.55
C MET A 225 5.11 16.44 -4.17
N GLN A 226 6.15 16.46 -3.34
CA GLN A 226 7.51 16.27 -3.85
C GLN A 226 7.70 14.87 -4.44
N LEU A 227 7.10 13.84 -3.83
CA LEU A 227 7.13 12.49 -4.41
C LEU A 227 6.43 12.47 -5.77
N LEU A 228 5.28 13.15 -5.90
CA LEU A 228 4.63 13.24 -7.20
C LEU A 228 5.55 13.89 -8.21
N ARG A 229 6.20 15.01 -7.81
CA ARG A 229 7.13 15.68 -8.70
C ARG A 229 8.31 14.79 -9.06
N ASP A 230 8.84 14.02 -8.09
CA ASP A 230 9.98 13.15 -8.39
C ASP A 230 9.61 12.12 -9.45
N ASN A 231 8.37 11.58 -9.38
CA ASN A 231 7.95 10.64 -10.41
C ASN A 231 7.77 11.34 -11.74
N LEU A 232 7.16 12.51 -11.74
CA LEU A 232 7.00 13.24 -13.00
C LEU A 232 8.36 13.52 -13.64
N THR A 233 9.36 13.85 -12.84
CA THR A 233 10.71 14.07 -13.37
C THR A 233 11.30 12.80 -13.97
N LEU A 234 11.06 11.65 -13.34
CA LEU A 234 11.51 10.38 -13.91
C LEU A 234 10.74 9.99 -15.16
N TRP A 235 9.47 10.39 -15.27
CA TRP A 235 8.62 9.90 -16.35
C TRP A 235 8.61 10.82 -17.56
N THR A 236 9.18 12.01 -17.44
CA THR A 236 9.08 13.01 -18.50
C THR A 236 10.43 13.67 -18.79
N ALA B 5 10.06 4.69 -10.20
CA ALA B 5 8.89 5.40 -9.68
C ALA B 5 8.63 5.01 -8.23
N GLY B 6 8.58 6.00 -7.35
CA GLY B 6 8.34 5.71 -5.96
C GLY B 6 6.88 5.77 -5.58
N ILE B 8 4.20 5.64 -2.01
CA ILE B 8 4.18 6.37 -0.72
C ILE B 8 4.85 5.56 0.39
N PRO B 9 5.64 6.21 1.23
CA PRO B 9 6.15 5.55 2.44
C PRO B 9 5.11 5.63 3.55
N GLY B 10 5.27 4.75 4.55
CA GLY B 10 4.28 4.73 5.62
C GLY B 10 4.50 5.74 6.72
N ARG B 11 5.73 6.20 6.90
CA ARG B 11 6.05 7.10 8.00
C ARG B 11 6.79 8.31 7.46
N ARG B 12 6.62 9.43 8.14
CA ARG B 12 7.50 10.58 7.93
C ARG B 12 8.90 10.18 8.34
N SER B 13 9.89 10.49 7.51
CA SER B 13 11.24 9.97 7.73
C SER B 13 12.01 10.81 8.74
#